data_4FGH
#
_entry.id   4FGH
#
_cell.length_a   78.921
_cell.length_b   78.921
_cell.length_c   106.178
_cell.angle_alpha   90.00
_cell.angle_beta   90.00
_cell.angle_gamma   120.00
#
_symmetry.space_group_name_H-M   'P 61 2 2'
#
loop_
_entity.id
_entity.type
_entity.pdbx_description
1 polymer 'Dihydrofolate reductase'
2 non-polymer 'NADP NICOTINAMIDE-ADENINE-DINUCLEOTIDE PHOSPHATE'
3 non-polymer (2E)-3-{5-[(2,4-diamino-6-ethylpyrimidin-5-yl)methyl]-2,3-dimethoxyphenyl}-1-[(1S)-1-(2-methylprop-1-en-1-yl)phthalazin-2(1H)-yl]prop-2-en-1-one
4 non-polymer GLYCEROL
5 water water
#
_entity_poly.entity_id   1
_entity_poly.type   'polypeptide(L)'
_entity_poly.pdbx_seq_one_letter_code
;MTLSILVAHDLQRVIGFENQLPWHLPNDLKHVKKLSTGHTLVMGRKTFESIGKPLPNRRNVVLTSDTSFNVEGVDVIHSI
EDIYQLPGHVFIFGGQTLFEEMIDKVDDMYITVIEGKFRGDTFFPPYTFEDWEVASSVEGKLDEKNTIPHTFLHLIRKKL
VPR
;
_entity_poly.pdbx_strand_id   A
#
loop_
_chem_comp.id
_chem_comp.type
_chem_comp.name
_chem_comp.formula
0U6 non-polymer (2E)-3-{5-[(2,4-diamino-6-ethylpyrimidin-5-yl)methyl]-2,3-dimethoxyphenyl}-1-[(1S)-1-(2-methylprop-1-en-1-yl)phthalazin-2(1H)-yl]prop-2-en-1-one 'C30 H34 N6 O3'
GOL non-polymer GLYCEROL 'C3 H8 O3'
NAP non-polymer 'NADP NICOTINAMIDE-ADENINE-DINUCLEOTIDE PHOSPHATE' 'C21 H28 N7 O17 P3'
#
# COMPACT_ATOMS: atom_id res chain seq x y z
N MET A 1 -9.09 -13.36 -2.53
CA MET A 1 -10.51 -13.37 -2.91
C MET A 1 -11.09 -11.97 -2.81
N THR A 2 -10.39 -11.11 -2.09
CA THR A 2 -10.72 -9.69 -1.99
C THR A 2 -9.39 -8.95 -1.84
N LEU A 3 -9.05 -8.19 -2.88
CA LEU A 3 -7.68 -7.72 -3.08
C LEU A 3 -7.65 -6.20 -3.17
N SER A 4 -6.89 -5.59 -2.27
CA SER A 4 -6.83 -4.14 -2.17
C SER A 4 -5.42 -3.60 -2.20
N ILE A 5 -5.31 -2.33 -2.58
CA ILE A 5 -4.06 -1.61 -2.44
C ILE A 5 -4.09 -0.78 -1.16
N LEU A 6 -2.96 -0.75 -0.46
CA LEU A 6 -2.78 0.08 0.72
C LEU A 6 -1.53 0.92 0.53
N VAL A 7 -1.66 2.23 0.49
CA VAL A 7 -0.53 3.09 0.12
C VAL A 7 -0.66 4.48 0.72
N ALA A 8 0.46 5.15 0.91
CA ALA A 8 0.48 6.56 1.21
C ALA A 8 1.30 7.25 0.13
N HIS A 9 0.70 8.19 -0.59
CA HIS A 9 1.49 8.96 -1.55
C HIS A 9 1.23 10.45 -1.40
N ASP A 10 2.24 11.25 -1.74
CA ASP A 10 2.14 12.71 -1.61
C ASP A 10 1.43 13.33 -2.83
N LEU A 11 1.47 14.66 -2.96
CA LEU A 11 0.72 15.35 -4.03
C LEU A 11 1.22 15.03 -5.42
N GLN A 12 2.42 14.48 -5.53
CA GLN A 12 2.98 14.17 -6.85
C GLN A 12 3.09 12.68 -7.06
N ARG A 13 2.49 11.97 -6.11
CA ARG A 13 2.45 10.50 -6.07
C ARG A 13 3.75 9.87 -5.60
N VAL A 14 4.60 10.65 -4.95
CA VAL A 14 5.78 10.10 -4.32
C VAL A 14 5.39 9.15 -3.18
N ILE A 15 6.10 8.04 -3.06
CA ILE A 15 5.84 7.10 -1.97
C ILE A 15 7.09 6.68 -1.21
N GLY A 16 8.26 6.90 -1.79
CA GLY A 16 9.49 6.51 -1.10
C GLY A 16 10.68 7.31 -1.54
N PHE A 17 11.71 7.32 -0.69
CA PHE A 17 12.98 7.92 -1.03
C PHE A 17 14.12 7.19 -0.36
N GLU A 18 15.06 6.70 -1.17
CA GLU A 18 16.19 5.93 -0.68
C GLU A 18 15.71 4.81 0.24
N ASN A 19 14.72 4.07 -0.25
CA ASN A 19 14.16 2.92 0.46
C ASN A 19 13.53 3.22 1.81
N GLN A 20 13.18 4.48 2.03
CA GLN A 20 12.47 4.89 3.24
C GLN A 20 11.25 5.72 2.88
N LEU A 21 10.36 5.89 3.85
CA LEU A 21 9.27 6.86 3.71
C LEU A 21 9.87 8.25 3.67
N PRO A 22 9.36 9.11 2.79
CA PRO A 22 9.92 10.47 2.78
C PRO A 22 9.51 11.28 4.02
N TRP A 23 8.46 10.86 4.72
CA TRP A 23 7.89 11.66 5.81
C TRP A 23 7.76 10.87 7.09
N HIS A 24 7.67 11.60 8.20
CA HIS A 24 7.33 11.01 9.48
C HIS A 24 5.86 11.32 9.84
N LEU A 25 5.00 10.30 9.80
CA LEU A 25 3.58 10.49 10.08
C LEU A 25 2.96 9.33 10.89
N PRO A 26 3.04 9.41 12.23
CA PRO A 26 2.54 8.36 13.13
C PRO A 26 1.09 7.90 12.88
N ASN A 27 0.16 8.83 12.64
CA ASN A 27 -1.23 8.44 12.41
C ASN A 27 -1.41 7.45 11.26
N ASP A 28 -0.57 7.56 10.23
CA ASP A 28 -0.73 6.69 9.06
C ASP A 28 -0.28 5.28 9.39
N LEU A 29 0.72 5.16 10.24
CA LEU A 29 1.09 3.85 10.78
C LEU A 29 -0.06 3.27 11.62
N LYS A 30 -0.78 4.11 12.35
CA LYS A 30 -1.94 3.63 13.09
C LYS A 30 -3.03 3.17 12.11
N HIS A 31 -3.17 3.93 11.03
CA HIS A 31 -4.10 3.62 9.94
C HIS A 31 -3.78 2.27 9.31
N VAL A 32 -2.51 2.07 9.01
CA VAL A 32 -2.05 0.82 8.42
C VAL A 32 -2.26 -0.36 9.38
N LYS A 33 -2.01 -0.14 10.66
CA LYS A 33 -2.14 -1.20 11.63
C LYS A 33 -3.60 -1.62 11.79
N LYS A 34 -4.49 -0.63 11.86
CA LYS A 34 -5.92 -0.90 12.04
C LYS A 34 -6.52 -1.61 10.81
N LEU A 35 -6.23 -1.09 9.62
CA LEU A 35 -6.70 -1.67 8.38
C LEU A 35 -6.28 -3.14 8.14
N SER A 36 -5.02 -3.46 8.37
CA SER A 36 -4.50 -4.74 7.90
C SER A 36 -4.41 -5.78 9.00
N THR A 37 -4.76 -5.35 10.21
CA THR A 37 -4.72 -6.24 11.35
C THR A 37 -5.60 -7.46 11.11
N GLY A 38 -5.05 -8.65 11.33
CA GLY A 38 -5.75 -9.90 11.09
C GLY A 38 -5.90 -10.26 9.63
N HIS A 39 -5.27 -9.49 8.74
CA HIS A 39 -5.37 -9.75 7.31
C HIS A 39 -4.00 -10.05 6.71
N THR A 40 -3.87 -9.97 5.39
CA THR A 40 -2.63 -10.35 4.73
C THR A 40 -1.97 -9.18 4.00
N LEU A 41 -0.68 -8.98 4.26
CA LEU A 41 0.11 -8.00 3.52
C LEU A 41 1.00 -8.73 2.53
N VAL A 42 0.97 -8.26 1.29
CA VAL A 42 1.81 -8.76 0.22
C VAL A 42 2.68 -7.60 -0.23
N MET A 43 4.00 -7.77 -0.19
CA MET A 43 4.93 -6.69 -0.51
C MET A 43 6.15 -7.21 -1.27
N GLY A 44 6.83 -6.33 -1.99
CA GLY A 44 8.06 -6.69 -2.66
C GLY A 44 9.27 -6.77 -1.73
N ARG A 45 10.37 -7.31 -2.22
CA ARG A 45 11.57 -7.54 -1.42
C ARG A 45 12.23 -6.25 -0.88
N LYS A 46 12.22 -5.17 -1.66
CA LYS A 46 12.84 -3.95 -1.16
C LYS A 46 12.01 -3.32 -0.06
N THR A 47 10.69 -3.34 -0.22
CA THR A 47 9.82 -2.82 0.82
C THR A 47 10.03 -3.60 2.11
N PHE A 48 10.12 -4.93 2.00
CA PHE A 48 10.37 -5.71 3.20
C PHE A 48 11.71 -5.37 3.85
N GLU A 49 12.75 -5.25 3.03
CA GLU A 49 14.08 -4.88 3.54
C GLU A 49 14.04 -3.53 4.25
N SER A 50 13.21 -2.62 3.76
CA SER A 50 13.05 -1.31 4.37
C SER A 50 12.50 -1.42 5.79
N ILE A 51 11.33 -2.04 5.94
CA ILE A 51 10.74 -2.30 7.26
C ILE A 51 11.66 -3.17 8.12
N GLY A 52 12.34 -4.12 7.50
CA GLY A 52 13.38 -4.88 8.18
C GLY A 52 12.95 -6.09 8.99
N LYS A 53 11.65 -6.30 9.12
CA LYS A 53 11.13 -7.46 9.85
C LYS A 53 9.61 -7.53 9.72
N PRO A 54 9.04 -8.75 9.85
CA PRO A 54 7.61 -8.96 9.62
C PRO A 54 6.79 -8.02 10.49
N LEU A 55 5.62 -7.63 10.02
CA LEU A 55 4.71 -6.88 10.89
C LEU A 55 3.90 -7.89 11.69
N PRO A 56 3.75 -7.65 13.00
CA PRO A 56 3.09 -8.63 13.86
C PRO A 56 1.57 -8.61 13.71
N ASN A 57 0.94 -9.73 14.03
CA ASN A 57 -0.53 -9.81 14.09
C ASN A 57 -1.15 -9.73 12.71
N ARG A 58 -0.48 -10.33 11.74
CA ARG A 58 -0.96 -10.40 10.38
C ARG A 58 0.01 -11.19 9.55
N ARG A 59 -0.50 -11.75 8.45
CA ARG A 59 0.31 -12.53 7.55
C ARG A 59 1.12 -11.62 6.64
N ASN A 60 2.44 -11.79 6.71
CA ASN A 60 3.39 -11.07 5.86
C ASN A 60 3.85 -11.97 4.72
N VAL A 61 3.63 -11.50 3.49
CA VAL A 61 4.00 -12.24 2.30
C VAL A 61 4.93 -11.40 1.43
N VAL A 62 6.10 -11.95 1.12
CA VAL A 62 7.08 -11.24 0.32
C VAL A 62 7.28 -11.86 -1.06
N LEU A 63 7.29 -11.00 -2.08
CA LEU A 63 7.48 -11.43 -3.45
C LEU A 63 8.89 -11.06 -3.88
N THR A 64 9.63 -12.06 -4.34
CA THR A 64 11.02 -11.88 -4.71
C THR A 64 11.32 -12.98 -5.69
N SER A 65 12.38 -12.81 -6.48
CA SER A 65 12.82 -13.89 -7.34
C SER A 65 13.91 -14.73 -6.64
N ASP A 66 14.40 -14.25 -5.51
CA ASP A 66 15.44 -14.95 -4.75
C ASP A 66 14.92 -16.25 -4.13
N THR A 67 15.40 -17.38 -4.63
CA THR A 67 14.97 -18.67 -4.09
C THR A 67 15.66 -19.00 -2.77
N SER A 68 16.63 -18.20 -2.37
CA SER A 68 17.28 -18.36 -1.07
C SER A 68 16.53 -17.63 0.05
N PHE A 69 15.52 -16.84 -0.32
CA PHE A 69 14.79 -16.04 0.66
C PHE A 69 13.94 -16.89 1.59
N ASN A 70 14.27 -16.86 2.88
CA ASN A 70 13.51 -17.62 3.85
C ASN A 70 13.60 -17.01 5.23
N VAL A 71 12.75 -16.03 5.47
CA VAL A 71 12.73 -15.34 6.74
C VAL A 71 11.68 -15.92 7.68
N GLU A 72 11.97 -15.90 8.97
CA GLU A 72 11.04 -16.38 9.98
C GLU A 72 9.89 -15.38 10.10
N GLY A 73 8.66 -15.87 9.97
CA GLY A 73 7.48 -15.03 10.10
C GLY A 73 7.00 -14.48 8.79
N VAL A 74 7.70 -14.81 7.71
CA VAL A 74 7.35 -14.30 6.39
C VAL A 74 7.10 -15.49 5.47
N ASP A 75 5.96 -15.46 4.80
CA ASP A 75 5.69 -16.42 3.74
C ASP A 75 6.19 -15.79 2.43
N VAL A 76 6.83 -16.60 1.58
CA VAL A 76 7.42 -16.07 0.34
C VAL A 76 6.71 -16.56 -0.91
N ILE A 77 6.62 -15.70 -1.92
CA ILE A 77 6.06 -16.05 -3.22
C ILE A 77 7.00 -15.60 -4.36
N HIS A 78 6.84 -16.19 -5.54
CA HIS A 78 7.80 -15.96 -6.61
C HIS A 78 7.17 -15.44 -7.90
N SER A 79 5.85 -15.37 -7.92
CA SER A 79 5.16 -14.79 -9.07
C SER A 79 3.96 -13.98 -8.63
N ILE A 80 3.57 -13.05 -9.49
CA ILE A 80 2.34 -12.29 -9.31
C ILE A 80 1.17 -13.26 -9.16
N GLU A 81 1.12 -14.28 -10.03
CA GLU A 81 0.00 -15.22 -10.04
C GLU A 81 -0.26 -15.87 -8.68
N ASP A 82 0.77 -15.89 -7.84
CA ASP A 82 0.68 -16.54 -6.53
C ASP A 82 -0.25 -15.79 -5.59
N ILE A 83 -0.40 -14.48 -5.82
CA ILE A 83 -1.19 -13.62 -4.95
C ILE A 83 -2.65 -14.04 -4.90
N TYR A 84 -3.15 -14.57 -6.00
CA TYR A 84 -4.57 -14.91 -6.11
C TYR A 84 -4.92 -16.18 -5.34
N GLN A 85 -3.88 -16.90 -4.92
CA GLN A 85 -4.09 -18.11 -4.10
C GLN A 85 -4.20 -17.78 -2.60
N LEU A 86 -3.67 -16.65 -2.18
CA LEU A 86 -3.80 -16.24 -0.78
C LEU A 86 -5.27 -16.05 -0.43
N PRO A 87 -5.70 -16.68 0.67
CA PRO A 87 -7.10 -16.50 1.10
C PRO A 87 -7.30 -15.19 1.84
N GLY A 88 -8.55 -14.78 1.97
CA GLY A 88 -8.88 -13.62 2.79
C GLY A 88 -8.66 -12.28 2.13
N HIS A 89 -8.53 -11.27 2.97
CA HIS A 89 -8.36 -9.91 2.47
C HIS A 89 -6.88 -9.65 2.33
N VAL A 90 -6.46 -9.42 1.10
CA VAL A 90 -5.06 -9.17 0.80
C VAL A 90 -4.84 -7.70 0.48
N PHE A 91 -3.81 -7.13 1.09
CA PHE A 91 -3.44 -5.74 0.84
C PHE A 91 -2.10 -5.73 0.13
N ILE A 92 -2.09 -5.20 -1.08
CA ILE A 92 -0.83 -4.93 -1.76
C ILE A 92 -0.17 -3.74 -1.05
N PHE A 93 0.94 -4.02 -0.38
CA PHE A 93 1.54 -3.11 0.59
C PHE A 93 2.65 -2.25 0.00
N GLY A 94 3.13 -2.60 -1.20
CA GLY A 94 4.24 -1.89 -1.81
C GLY A 94 5.35 -2.81 -2.35
N GLY A 95 6.33 -2.23 -3.03
CA GLY A 95 6.36 -0.80 -3.30
C GLY A 95 6.01 -0.46 -4.73
N GLN A 96 6.77 0.44 -5.34
CA GLN A 96 6.43 0.91 -6.68
C GLN A 96 6.18 -0.19 -7.69
N THR A 97 7.04 -1.22 -7.70
CA THR A 97 6.94 -2.23 -8.76
C THR A 97 5.67 -3.04 -8.57
N LEU A 98 5.35 -3.37 -7.33
CA LEU A 98 4.16 -4.14 -7.05
C LEU A 98 2.88 -3.33 -7.27
N PHE A 99 2.90 -2.05 -6.95
CA PHE A 99 1.77 -1.18 -7.27
C PHE A 99 1.55 -1.12 -8.79
N GLU A 100 2.62 -0.95 -9.56
CA GLU A 100 2.50 -0.89 -11.02
C GLU A 100 1.95 -2.21 -11.57
N GLU A 101 2.36 -3.30 -10.95
CA GLU A 101 1.91 -4.62 -11.37
C GLU A 101 0.47 -4.87 -10.99
N MET A 102 0.01 -4.24 -9.91
CA MET A 102 -1.27 -4.65 -9.31
C MET A 102 -2.41 -3.66 -9.47
N ILE A 103 -2.11 -2.40 -9.78
CA ILE A 103 -3.15 -1.36 -9.80
C ILE A 103 -4.36 -1.63 -10.71
N ASP A 104 -4.17 -2.39 -11.80
CA ASP A 104 -5.29 -2.75 -12.68
C ASP A 104 -6.00 -4.03 -12.25
N LYS A 105 -5.48 -4.68 -11.23
CA LYS A 105 -6.00 -5.96 -10.80
C LYS A 105 -6.84 -5.85 -9.53
N VAL A 106 -6.57 -4.84 -8.70
CA VAL A 106 -7.22 -4.75 -7.40
C VAL A 106 -8.64 -4.19 -7.45
N ASP A 107 -9.42 -4.57 -6.44
CA ASP A 107 -10.82 -4.20 -6.33
C ASP A 107 -10.95 -2.74 -5.88
N ASP A 108 -10.09 -2.34 -4.95
CA ASP A 108 -10.19 -1.04 -4.35
C ASP A 108 -8.84 -0.66 -3.77
N MET A 109 -8.75 0.57 -3.26
CA MET A 109 -7.47 1.12 -2.81
C MET A 109 -7.70 1.97 -1.57
N TYR A 110 -6.84 1.79 -0.59
CA TYR A 110 -6.86 2.59 0.62
C TYR A 110 -5.67 3.51 0.59
N ILE A 111 -5.91 4.74 0.17
CA ILE A 111 -4.83 5.68 -0.08
C ILE A 111 -4.77 6.76 0.96
N THR A 112 -3.61 6.96 1.54
CA THR A 112 -3.40 8.11 2.38
C THR A 112 -2.70 9.16 1.54
N VAL A 113 -3.41 10.24 1.23
CA VAL A 113 -2.79 11.34 0.50
C VAL A 113 -2.03 12.25 1.44
N ILE A 114 -0.71 12.24 1.31
CA ILE A 114 0.11 13.19 2.06
C ILE A 114 0.04 14.55 1.34
N GLU A 115 -0.57 15.55 1.98
CA GLU A 115 -0.79 16.86 1.36
C GLU A 115 0.46 17.75 1.32
N GLY A 116 1.55 17.21 0.79
CA GLY A 116 2.77 17.98 0.59
C GLY A 116 3.53 17.46 -0.62
N LYS A 117 4.63 18.14 -0.95
CA LYS A 117 5.50 17.72 -2.04
C LYS A 117 6.86 17.37 -1.47
N PHE A 118 7.20 16.08 -1.55
CA PHE A 118 8.45 15.60 -1.00
C PHE A 118 9.41 15.19 -2.10
N ARG A 119 10.71 15.27 -1.85
CA ARG A 119 11.65 14.67 -2.78
C ARG A 119 11.49 13.15 -2.72
N GLY A 120 11.40 12.53 -3.89
CA GLY A 120 11.18 11.10 -3.95
C GLY A 120 11.91 10.46 -5.10
N ASP A 121 12.02 9.13 -5.05
CA ASP A 121 12.61 8.37 -6.13
C ASP A 121 11.74 7.16 -6.47
N THR A 122 10.66 6.97 -5.71
CA THR A 122 9.66 5.99 -6.08
C THR A 122 8.24 6.57 -6.02
N PHE A 123 7.41 6.15 -6.98
CA PHE A 123 6.11 6.76 -7.21
C PHE A 123 4.99 5.75 -7.27
N PHE A 124 3.81 6.14 -6.81
CA PHE A 124 2.61 5.39 -7.07
C PHE A 124 2.18 5.67 -8.52
N PRO A 125 1.61 4.66 -9.21
CA PRO A 125 1.27 4.84 -10.63
C PRO A 125 0.15 5.86 -10.78
N PRO A 126 0.13 6.60 -11.89
CA PRO A 126 -0.95 7.57 -12.06
C PRO A 126 -2.30 6.87 -12.14
N TYR A 127 -3.34 7.54 -11.66
CA TYR A 127 -4.72 7.05 -11.77
C TYR A 127 -5.64 8.24 -11.85
N THR A 128 -6.87 8.04 -12.31
CA THR A 128 -7.82 9.13 -12.43
C THR A 128 -9.11 8.85 -11.67
N PHE A 129 -9.68 9.89 -11.06
CA PHE A 129 -10.93 9.72 -10.32
C PHE A 129 -12.10 9.45 -11.24
N GLU A 130 -11.88 9.58 -12.54
CA GLU A 130 -12.91 9.19 -13.48
C GLU A 130 -13.17 7.70 -13.32
N ASP A 131 -12.14 6.98 -12.90
CA ASP A 131 -12.22 5.52 -12.80
C ASP A 131 -12.61 5.06 -11.40
N TRP A 132 -12.37 5.89 -10.40
CA TRP A 132 -12.49 5.41 -9.04
C TRP A 132 -13.50 6.19 -8.24
N GLU A 133 -14.42 5.47 -7.61
CA GLU A 133 -15.41 6.16 -6.80
C GLU A 133 -14.92 6.40 -5.39
N VAL A 134 -15.20 7.59 -4.88
CA VAL A 134 -14.78 7.96 -3.54
C VAL A 134 -15.78 7.42 -2.51
N ALA A 135 -15.42 6.26 -1.93
CA ALA A 135 -16.25 5.57 -0.95
C ALA A 135 -16.25 6.35 0.35
N SER A 136 -15.07 6.86 0.70
CA SER A 136 -14.92 7.77 1.81
C SER A 136 -13.67 8.60 1.62
N SER A 137 -13.69 9.79 2.24
CA SER A 137 -12.57 10.72 2.24
C SER A 137 -12.61 11.39 3.60
N VAL A 138 -11.53 11.23 4.38
CA VAL A 138 -11.47 11.74 5.75
C VAL A 138 -10.15 12.44 6.02
N GLU A 139 -10.21 13.72 6.40
CA GLU A 139 -9.01 14.47 6.80
C GLU A 139 -8.40 13.93 8.08
N GLY A 140 -7.08 13.76 8.08
CA GLY A 140 -6.39 13.35 9.29
C GLY A 140 -6.29 14.54 10.23
N LYS A 141 -6.19 14.28 11.52
CA LYS A 141 -6.06 15.38 12.47
C LYS A 141 -4.60 15.68 12.63
N LEU A 142 -4.30 16.96 12.79
CA LEU A 142 -2.92 17.41 12.93
C LEU A 142 -2.67 17.77 14.39
N ASP A 143 -1.47 17.48 14.86
CA ASP A 143 -1.08 17.85 16.21
C ASP A 143 0.43 18.09 16.28
N GLU A 144 0.99 17.98 17.47
CA GLU A 144 2.41 18.14 17.67
C GLU A 144 3.15 17.00 16.96
N LYS A 145 2.54 15.82 16.98
CA LYS A 145 3.16 14.60 16.44
C LYS A 145 2.86 14.35 14.94
N ASN A 146 1.70 14.77 14.48
CA ASN A 146 1.36 14.62 13.07
C ASN A 146 1.12 15.98 12.42
N THR A 147 2.14 16.50 11.78
CA THR A 147 2.17 17.90 11.39
C THR A 147 1.97 18.13 9.88
N ILE A 148 1.75 17.03 9.14
CA ILE A 148 1.54 17.13 7.71
C ILE A 148 0.10 16.81 7.38
N PRO A 149 -0.58 17.74 6.69
CA PRO A 149 -1.97 17.47 6.32
C PRO A 149 -2.03 16.19 5.52
N HIS A 150 -3.07 15.40 5.72
CA HIS A 150 -3.20 14.15 4.97
C HIS A 150 -4.67 13.78 4.91
N THR A 151 -5.03 12.95 3.94
CA THR A 151 -6.42 12.59 3.74
C THR A 151 -6.51 11.11 3.50
N PHE A 152 -7.36 10.43 4.26
CA PHE A 152 -7.55 9.01 4.04
C PHE A 152 -8.65 8.77 3.02
N LEU A 153 -8.25 8.23 1.87
CA LEU A 153 -9.22 7.88 0.83
C LEU A 153 -9.48 6.38 0.82
N HIS A 154 -10.72 6.02 0.53
CA HIS A 154 -11.03 4.66 0.18
C HIS A 154 -11.65 4.73 -1.21
N LEU A 155 -10.95 4.24 -2.23
CA LEU A 155 -11.44 4.30 -3.59
C LEU A 155 -11.81 2.92 -4.12
N ILE A 156 -12.96 2.85 -4.79
CA ILE A 156 -13.51 1.62 -5.31
C ILE A 156 -13.60 1.74 -6.84
N ARG A 157 -13.11 0.74 -7.55
CA ARG A 157 -13.07 0.79 -9.00
C ARG A 157 -14.47 0.92 -9.58
N LYS A 158 -14.68 1.91 -10.44
CA LYS A 158 -15.95 2.11 -11.09
C LYS A 158 -16.22 1.06 -12.17
N LYS A 159 -17.46 0.59 -12.20
CA LYS A 159 -17.90 -0.38 -13.19
C LYS A 159 -18.06 0.28 -14.56
N LEU A 160 -17.65 -0.40 -15.61
CA LEU A 160 -17.84 0.13 -16.96
C LEU A 160 -19.23 -0.17 -17.51
N VAL A 161 -20.00 0.89 -17.74
CA VAL A 161 -21.38 0.74 -18.20
C VAL A 161 -21.64 1.53 -19.49
N PRO A 162 -22.57 1.03 -20.32
CA PRO A 162 -22.99 1.81 -21.50
C PRO A 162 -23.77 3.05 -21.09
N ARG A 163 -23.42 4.24 -21.57
CA ARG A 163 -24.21 5.43 -21.26
C ARG A 163 -24.66 6.22 -22.49
PA NAP B . 9.56 -3.09 -4.18
O1A NAP B . 8.28 -2.96 -5.06
O2A NAP B . 9.22 -2.95 -2.72
O5B NAP B . 10.08 -4.56 -4.38
C5B NAP B . 11.23 -4.78 -5.14
C4B NAP B . 11.32 -6.22 -5.53
O4B NAP B . 10.10 -7.08 -5.45
C3B NAP B . 12.04 -6.64 -6.77
O3B NAP B . 13.23 -6.08 -7.13
C2B NAP B . 11.85 -8.09 -6.67
O2B NAP B . 12.60 -8.72 -5.72
C1B NAP B . 10.34 -8.05 -6.55
N9A NAP B . 9.27 -8.39 -7.43
C8A NAP B . 8.44 -7.49 -7.98
N7A NAP B . 7.62 -8.19 -8.93
C5A NAP B . 8.03 -9.53 -8.94
C6A NAP B . 7.57 -10.63 -9.68
N6A NAP B . 6.50 -10.50 -10.62
N1A NAP B . 8.14 -11.82 -9.50
C2A NAP B . 9.17 -11.97 -8.59
N3A NAP B . 9.62 -10.87 -7.86
C4A NAP B . 9.04 -9.68 -8.05
O3 NAP B . 10.70 -2.07 -4.64
PN NAP B . 10.45 -0.62 -5.25
O1N NAP B . 11.84 -0.05 -5.71
O2N NAP B . 9.53 -0.73 -6.42
O5D NAP B . 9.82 0.37 -4.17
C5D NAP B . 10.61 0.88 -3.13
C4D NAP B . 10.03 1.96 -2.25
O4D NAP B . 8.59 1.99 -1.93
C3D NAP B . 10.77 2.46 -1.00
O3D NAP B . 11.69 3.47 -1.14
C2D NAP B . 9.77 2.51 0.11
O2D NAP B . 9.95 3.34 1.20
C1D NAP B . 8.43 2.51 -0.56
N1N NAP B . 7.15 2.33 0.05
C2N NAP B . 6.20 3.33 0.50
C3N NAP B . 4.72 2.98 0.47
C7N NAP B . 3.76 4.03 0.88
O7N NAP B . 2.61 3.71 1.11
N7N NAP B . 4.23 5.38 0.99
C4N NAP B . 4.25 1.51 0.35
C5N NAP B . 5.41 0.49 0.49
C6N NAP B . 6.84 0.93 0.14
P2B NAP B . 13.98 -9.37 -6.05
O1X NAP B . 14.96 -8.32 -6.68
O2X NAP B . 14.55 -9.83 -4.67
O3X NAP B . 13.73 -10.53 -6.99
N01 0U6 C . 1.38 0.39 2.18
C02 0U6 C . 1.49 1.51 3.06
C03 0U6 C . 2.66 1.77 3.80
C04 0U6 C . 3.82 0.81 3.66
C05 0U6 C . 4.92 0.96 4.67
C06 0U6 C . 6.17 1.26 4.21
C07 0U6 C . 7.23 1.43 5.12
O08 0U6 C . 8.53 1.77 4.67
C09 0U6 C . 8.85 1.74 3.28
C10 0U6 C . 6.98 1.26 6.51
O11 0U6 C . 8.06 1.43 7.45
C12 0U6 C . 8.10 2.57 8.24
C13 0U6 C . 5.74 0.94 6.97
C14 0U6 C . 5.55 0.78 8.55
C15 0U6 C . 4.76 -0.18 9.11
C16 0U6 C . 4.62 -0.19 10.64
N17 0U6 C . 3.39 -0.57 11.28
N18 0U6 C . 2.29 -0.98 10.57
C19 0U6 C . 1.75 -2.24 10.99
C20 0U6 C . 3.33 -0.55 12.72
C21 0U6 C . 2.53 0.68 13.19
C22 0U6 C . 2.89 1.42 14.53
C23 0U6 C . 4.21 1.98 14.79
C24 0U6 C . 2.72 -1.80 13.28
C25 0U6 C . 1.97 -2.62 12.45
C26 0U6 C . 1.38 -3.86 12.99
C27 0U6 C . 1.58 -4.20 14.31
C28 0U6 C . 2.35 -3.36 15.16
C29 0U6 C . 2.93 -2.16 14.64
O30 0U6 C . 5.55 0.16 11.30
C31 0U6 C . 4.67 0.78 6.08
C32 0U6 C . 2.63 2.98 4.64
N33 0U6 C . 1.51 3.74 4.68
C34 0U6 C . 0.44 3.43 3.97
N35 0U6 C . -0.70 4.29 4.06
N36 0U6 C . 0.41 2.33 3.15
C37 0U6 C . 1.71 1.68 15.38
C38 0U6 C . 3.73 3.48 5.55
C39 0U6 C . 3.27 3.73 7.05
C1 GOL D . -3.22 10.84 -10.68
O1 GOL D . -2.03 10.75 -11.47
C2 GOL D . -3.00 11.07 -9.18
O2 GOL D . -2.27 12.28 -8.91
C3 GOL D . -4.38 11.14 -8.53
O3 GOL D . -5.12 12.20 -9.17
#